data_5O6G
#
_entry.id   5O6G
#
_cell.length_a   107.280
_cell.length_b   70.500
_cell.length_c   107.150
_cell.angle_alpha   90.00
_cell.angle_beta   119.89
_cell.angle_gamma   90.00
#
_symmetry.space_group_name_H-M   'P 1 21 1'
#
loop_
_entity.id
_entity.type
_entity.pdbx_description
1 polymer 'Homing endonuclease I-DmoI'
2 polymer 'DNA (25-MER)'
3 polymer 'DNA (25-MER)'
4 non-polymer 'MANGANESE (II) ION'
5 non-polymer 'CHLORIDE ION'
6 water water
#
loop_
_entity_poly.entity_id
_entity_poly.type
_entity_poly.pdbx_seq_one_letter_code
_entity_poly.pdbx_strand_id
1 'polypeptide(L)'
;MAHNNENVSGISAYLLGLIIGDGGLYKLKYKGNRSEYRVVITQKSENLIKQHFAPLMQFLIDELNVKSKIQIVKGDTRYE
LRVSSKKLYYYFANMQERIRLFNMREQIAFIKGLYVAEGDKTLKRLRIWNKNKALLEIVSRWLNNLGVRNTIHLDDHRHG
VYVLNISLRDRIKFVHTILSSHLNPLPPEAAALEHHHHHH
;
A,D,G
2 'polydeoxyribonucleotide'
;(DG)(DC)(DC)(DT)(DT)(DG)(DC)(DC)(DG)(DG)(DG)(DT)(DA)(DA)(DG)(DT)(DT)(DC)(DC)(DG)
(DG)(DC)(DG)(DC)(DG)
;
B,E,H
3 'polydeoxyribonucleotide'
;(DC)(DG)(DC)(DG)(DC)(DC)(DG)(DG)(DA)(DA)(DC)(DT)(DT)(DA)(DC)(DC)(DC)(DG)(DG)(DC)
(DA)(DA)(DG)(DG)(DC)
;
C,F,I
#
loop_
_chem_comp.id
_chem_comp.type
_chem_comp.name
_chem_comp.formula
CL non-polymer 'CHLORIDE ION' 'Cl -1'
DA DNA linking 2'-DEOXYADENOSINE-5'-MONOPHOSPHATE 'C10 H14 N5 O6 P'
DC DNA linking 2'-DEOXYCYTIDINE-5'-MONOPHOSPHATE 'C9 H14 N3 O7 P'
DG DNA linking 2'-DEOXYGUANOSINE-5'-MONOPHOSPHATE 'C10 H14 N5 O7 P'
DT DNA linking THYMIDINE-5'-MONOPHOSPHATE 'C10 H15 N2 O8 P'
MN non-polymer 'MANGANESE (II) ION' 'Mn 2'
#
# COMPACT_ATOMS: atom_id res chain seq x y z
N GLU A 6 -10.68 16.15 -23.46
CA GLU A 6 -10.13 14.86 -23.02
C GLU A 6 -11.23 13.81 -22.98
N ASN A 7 -12.48 14.32 -22.88
CA ASN A 7 -13.68 13.50 -22.80
C ASN A 7 -13.80 12.82 -21.42
N VAL A 8 -12.71 12.27 -20.89
CA VAL A 8 -12.74 11.78 -19.52
C VAL A 8 -12.97 12.93 -18.55
N SER A 9 -12.30 14.07 -18.79
CA SER A 9 -12.55 15.24 -17.96
C SER A 9 -14.00 15.70 -18.08
N GLY A 10 -14.60 15.57 -19.25
CA GLY A 10 -15.97 16.04 -19.43
C GLY A 10 -16.97 15.16 -18.71
N ILE A 11 -16.91 13.86 -18.96
CA ILE A 11 -17.80 12.93 -18.27
C ILE A 11 -17.66 13.07 -16.76
N SER A 12 -16.43 13.22 -16.28
CA SER A 12 -16.20 13.41 -14.85
C SER A 12 -16.94 14.63 -14.32
N ALA A 13 -16.88 15.76 -15.04
CA ALA A 13 -17.51 16.98 -14.52
C ALA A 13 -19.03 16.89 -14.59
N TYR A 14 -19.57 16.31 -15.66
CA TYR A 14 -21.01 16.04 -15.71
C TYR A 14 -21.43 15.16 -14.54
N LEU A 15 -20.80 14.00 -14.39
CA LEU A 15 -21.15 13.13 -13.27
C LEU A 15 -21.05 13.86 -11.94
N LEU A 16 -20.01 14.68 -11.76
CA LEU A 16 -19.87 15.41 -10.51
C LEU A 16 -21.06 16.32 -10.26
N GLY A 17 -21.59 16.94 -11.33
CA GLY A 17 -22.74 17.80 -11.19
C GLY A 17 -23.94 17.03 -10.67
N LEU A 18 -24.19 15.85 -11.24
CA LEU A 18 -25.25 14.97 -10.73
C LEU A 18 -24.99 14.61 -9.27
N ILE A 19 -23.73 14.25 -8.94
CA ILE A 19 -23.42 13.81 -7.58
C ILE A 19 -23.70 14.91 -6.58
N ILE A 20 -23.19 16.11 -6.85
CA ILE A 20 -23.43 17.21 -5.92
C ILE A 20 -24.89 17.61 -5.93
N GLY A 21 -25.52 17.52 -7.09
CA GLY A 21 -26.94 17.77 -7.19
C GLY A 21 -27.78 16.76 -6.44
N ASP A 22 -27.89 15.54 -6.96
CA ASP A 22 -28.87 14.58 -6.50
C ASP A 22 -28.29 13.46 -5.66
N GLY A 23 -27.06 13.62 -5.17
CA GLY A 23 -26.42 12.51 -4.48
C GLY A 23 -25.38 12.93 -3.47
N GLY A 24 -24.22 12.28 -3.47
CA GLY A 24 -23.16 12.77 -2.62
C GLY A 24 -22.00 11.81 -2.51
N LEU A 25 -21.01 12.29 -1.79
CA LEU A 25 -19.79 11.54 -1.49
C LEU A 25 -19.78 11.30 0.00
N TYR A 26 -19.80 10.04 0.39
CA TYR A 26 -19.90 9.69 1.81
C TYR A 26 -18.72 8.84 2.24
N LYS A 27 -18.07 9.26 3.33
CA LYS A 27 -16.99 8.52 3.95
C LYS A 27 -17.54 7.90 5.23
N LEU A 28 -17.93 6.62 5.16
CA LEU A 28 -18.58 5.94 6.27
C LEU A 28 -17.58 5.24 7.16
N LYS A 29 -17.85 5.26 8.47
CA LYS A 29 -17.11 4.45 9.42
C LYS A 29 -18.11 3.52 10.15
N TYR A 30 -17.77 2.25 10.23
CA TYR A 30 -18.65 1.23 10.78
C TYR A 30 -18.05 0.60 12.03
N LYS A 31 -18.86 -0.24 12.67
CA LYS A 31 -18.39 -1.22 13.64
C LYS A 31 -17.75 -2.36 12.86
N GLY A 32 -16.43 -2.53 12.99
CA GLY A 32 -15.55 -1.64 13.70
C GLY A 32 -14.22 -2.33 13.56
N ASN A 33 -13.17 -1.62 13.19
CA ASN A 33 -13.27 -0.30 12.61
C ASN A 33 -13.41 -0.46 11.10
N ARG A 34 -14.51 -1.05 10.65
CA ARG A 34 -14.73 -1.15 9.23
C ARG A 34 -15.09 0.23 8.67
N SER A 35 -15.06 0.34 7.34
CA SER A 35 -15.30 1.63 6.71
C SER A 35 -15.86 1.39 5.30
N GLU A 36 -16.25 2.48 4.64
CA GLU A 36 -16.72 2.43 3.27
C GLU A 36 -16.67 3.85 2.70
N TYR A 37 -16.50 3.94 1.37
CA TYR A 37 -16.47 5.21 0.65
C TYR A 37 -17.43 5.06 -0.52
N ARG A 38 -18.51 5.84 -0.52
CA ARG A 38 -19.53 5.71 -1.54
C ARG A 38 -19.56 6.93 -2.43
N VAL A 39 -19.68 6.68 -3.72
CA VAL A 39 -20.07 7.69 -4.69
C VAL A 39 -21.49 7.35 -5.12
N VAL A 40 -22.40 8.31 -4.97
CA VAL A 40 -23.84 8.05 -4.99
C VAL A 40 -24.55 9.10 -5.83
N ILE A 41 -25.46 8.65 -6.69
CA ILE A 41 -26.47 9.51 -7.32
C ILE A 41 -27.84 8.90 -7.06
N THR A 42 -28.83 9.73 -6.71
CA THR A 42 -30.18 9.22 -6.60
C THR A 42 -31.08 9.85 -7.66
N GLN A 43 -32.10 9.08 -8.04
CA GLN A 43 -33.08 9.52 -9.03
C GLN A 43 -34.32 8.67 -8.88
N LYS A 44 -35.49 9.29 -9.08
CA LYS A 44 -36.75 8.56 -8.99
C LYS A 44 -36.91 7.56 -10.14
N SER A 45 -36.52 7.97 -11.35
CA SER A 45 -36.64 7.16 -12.55
C SER A 45 -35.60 6.05 -12.60
N GLU A 46 -36.04 4.80 -12.82
CA GLU A 46 -35.06 3.74 -12.97
C GLU A 46 -34.40 3.75 -14.34
N ASN A 47 -35.14 4.12 -15.40
CA ASN A 47 -34.53 4.14 -16.72
C ASN A 47 -33.40 5.15 -16.77
N LEU A 48 -33.61 6.34 -16.20
CA LEU A 48 -32.59 7.37 -16.26
C LEU A 48 -31.30 6.91 -15.56
N ILE A 49 -31.42 6.17 -14.47
CA ILE A 49 -30.20 5.66 -13.81
C ILE A 49 -29.56 4.54 -14.63
N LYS A 50 -30.34 3.51 -14.99
CA LYS A 50 -29.76 2.36 -15.70
C LYS A 50 -29.29 2.71 -17.10
N GLN A 51 -29.96 3.65 -17.78
CA GLN A 51 -29.69 3.91 -19.19
C GLN A 51 -28.77 5.11 -19.44
N HIS A 52 -28.88 6.19 -18.67
CA HIS A 52 -28.04 7.34 -18.95
C HIS A 52 -26.90 7.52 -17.95
N PHE A 53 -27.11 7.29 -16.66
CA PHE A 53 -26.05 7.57 -15.69
C PHE A 53 -25.06 6.42 -15.58
N ALA A 54 -25.56 5.22 -15.22
CA ALA A 54 -24.68 4.06 -15.05
C ALA A 54 -23.74 3.83 -16.23
N PRO A 55 -24.16 3.96 -17.49
CA PRO A 55 -23.18 3.81 -18.59
C PRO A 55 -22.02 4.81 -18.51
N LEU A 56 -22.31 6.09 -18.27
CA LEU A 56 -21.26 7.09 -18.07
C LEU A 56 -20.35 6.71 -16.90
N MET A 57 -20.92 6.34 -15.77
CA MET A 57 -20.09 5.98 -14.63
C MET A 57 -19.27 4.72 -14.93
N GLN A 58 -19.82 3.80 -15.73
CA GLN A 58 -19.09 2.56 -16.01
C GLN A 58 -17.90 2.82 -16.90
N PHE A 59 -18.06 3.72 -17.87
CA PHE A 59 -16.94 4.14 -18.68
C PHE A 59 -15.84 4.71 -17.80
N LEU A 60 -16.19 5.66 -16.92
CA LEU A 60 -15.22 6.26 -16.03
C LEU A 60 -14.57 5.22 -15.11
N ILE A 61 -15.37 4.31 -14.56
CA ILE A 61 -14.82 3.22 -13.77
CA ILE A 61 -14.81 3.23 -13.75
C ILE A 61 -13.72 2.50 -14.53
N ASP A 62 -13.95 2.29 -15.83
CA ASP A 62 -13.03 1.52 -16.65
C ASP A 62 -11.78 2.31 -17.02
N GLU A 63 -11.91 3.61 -17.24
CA GLU A 63 -10.77 4.44 -17.60
C GLU A 63 -9.90 4.81 -16.42
N LEU A 64 -10.31 4.48 -15.19
CA LEU A 64 -9.47 4.68 -14.01
C LEU A 64 -9.03 3.36 -13.40
N ASN A 65 -9.42 2.24 -13.99
CA ASN A 65 -9.07 0.92 -13.46
C ASN A 65 -9.49 0.81 -11.99
N VAL A 66 -10.70 1.28 -11.73
CA VAL A 66 -11.41 1.02 -10.48
C VAL A 66 -12.20 -0.26 -10.69
N LYS A 67 -12.01 -1.26 -9.83
CA LYS A 67 -12.96 -2.36 -10.02
C LYS A 67 -13.87 -2.50 -8.79
N SER A 68 -14.49 -1.40 -8.42
CA SER A 68 -15.77 -1.58 -7.76
C SER A 68 -16.84 -1.75 -8.83
N LYS A 69 -17.97 -2.29 -8.44
CA LYS A 69 -19.06 -2.38 -9.38
C LYS A 69 -20.04 -1.23 -9.17
N ILE A 70 -20.84 -0.97 -10.19
CA ILE A 70 -21.97 -0.05 -10.08
C ILE A 70 -23.11 -0.81 -9.44
N GLN A 71 -23.49 -0.43 -8.23
CA GLN A 71 -24.70 -0.95 -7.62
C GLN A 71 -25.88 -0.02 -7.92
N ILE A 72 -27.04 -0.62 -8.17
CA ILE A 72 -28.31 0.11 -8.27
C ILE A 72 -29.26 -0.45 -7.21
N VAL A 73 -29.43 0.31 -6.14
CA VAL A 73 -30.31 -0.04 -5.02
C VAL A 73 -31.66 0.62 -5.22
N LYS A 74 -32.73 -0.13 -4.99
CA LYS A 74 -34.08 0.40 -5.02
C LYS A 74 -34.47 0.76 -3.58
N GLY A 75 -34.83 2.02 -3.36
CA GLY A 75 -35.36 2.48 -2.10
C GLY A 75 -36.85 2.78 -2.22
N ASP A 76 -37.42 3.23 -1.10
CA ASP A 76 -38.85 3.52 -1.07
C ASP A 76 -39.23 4.63 -2.05
N THR A 77 -38.44 5.70 -2.08
CA THR A 77 -38.80 6.88 -2.83
C THR A 77 -37.88 7.16 -4.01
N ARG A 78 -36.86 6.34 -4.25
CA ARG A 78 -35.96 6.62 -5.37
C ARG A 78 -34.93 5.51 -5.49
N TYR A 79 -34.37 5.40 -6.69
CA TYR A 79 -33.23 4.55 -6.95
C TYR A 79 -31.92 5.26 -6.63
N GLU A 80 -30.94 4.47 -6.21
CA GLU A 80 -29.61 4.92 -5.87
C GLU A 80 -28.61 4.25 -6.79
N LEU A 81 -27.90 5.03 -7.59
CA LEU A 81 -26.71 4.53 -8.26
C LEU A 81 -25.54 4.67 -7.29
N ARG A 82 -24.91 3.56 -6.93
CA ARG A 82 -23.87 3.61 -5.90
C ARG A 82 -22.60 2.88 -6.35
N VAL A 83 -21.45 3.55 -6.20
CA VAL A 83 -20.14 2.92 -6.37
C VAL A 83 -19.41 2.94 -5.03
N SER A 84 -19.10 1.75 -4.50
CA SER A 84 -18.38 1.68 -3.24
C SER A 84 -16.89 1.55 -3.52
N SER A 85 -16.20 2.69 -3.61
CA SER A 85 -14.77 2.70 -3.96
C SER A 85 -14.05 3.86 -3.29
N LYS A 86 -12.98 3.56 -2.54
CA LYS A 86 -12.19 4.63 -1.92
C LYS A 86 -11.46 5.46 -2.97
N LYS A 87 -11.04 4.85 -4.08
CA LYS A 87 -10.37 5.60 -5.13
C LYS A 87 -11.33 6.52 -5.87
N LEU A 88 -12.55 6.05 -6.16
CA LEU A 88 -13.49 6.91 -6.87
C LEU A 88 -13.99 8.03 -5.98
N TYR A 89 -14.13 7.75 -4.68
CA TYR A 89 -14.49 8.80 -3.73
C TYR A 89 -13.51 9.96 -3.80
N TYR A 90 -12.21 9.70 -3.61
CA TYR A 90 -11.24 10.81 -3.62
C TYR A 90 -11.06 11.41 -5.00
N TYR A 91 -11.30 10.64 -6.07
CA TYR A 91 -11.25 11.23 -7.39
C TYR A 91 -12.26 12.37 -7.51
N PHE A 92 -13.49 12.13 -7.03
CA PHE A 92 -14.53 13.16 -7.10
C PHE A 92 -14.37 14.21 -6.02
N ALA A 93 -14.02 13.81 -4.80
CA ALA A 93 -13.77 14.79 -3.74
C ALA A 93 -12.69 15.77 -4.15
N ASN A 94 -11.55 15.28 -4.63
CA ASN A 94 -10.46 16.18 -5.01
C ASN A 94 -10.90 17.07 -6.15
N MET A 95 -11.67 16.53 -7.09
CA MET A 95 -12.19 17.34 -8.18
C MET A 95 -13.06 18.47 -7.63
N GLN A 96 -13.84 18.19 -6.58
CA GLN A 96 -14.74 19.19 -6.02
C GLN A 96 -13.99 20.35 -5.35
N GLU A 97 -12.85 20.09 -4.73
CA GLU A 97 -12.14 21.17 -4.08
C GLU A 97 -11.34 22.00 -5.09
N ARG A 98 -11.01 21.43 -6.25
CA ARG A 98 -10.36 22.14 -7.34
CA ARG A 98 -10.36 22.20 -7.32
C ARG A 98 -11.35 22.63 -8.39
N ILE A 99 -12.60 22.91 -7.99
CA ILE A 99 -13.67 23.18 -8.95
C ILE A 99 -13.56 24.57 -9.60
N ARG A 100 -12.97 25.56 -8.91
CA ARG A 100 -12.85 26.88 -9.57
C ARG A 100 -11.82 26.89 -10.67
N LEU A 101 -10.98 25.85 -10.77
CA LEU A 101 -9.98 25.73 -11.82
C LEU A 101 -10.48 24.97 -13.04
N PHE A 102 -11.78 24.66 -13.11
CA PHE A 102 -12.34 23.96 -14.27
C PHE A 102 -12.12 24.76 -15.54
N ASN A 103 -11.56 24.12 -16.57
CA ASN A 103 -11.55 24.72 -17.90
C ASN A 103 -12.97 24.78 -18.45
N MET A 104 -13.12 25.37 -19.63
CA MET A 104 -14.45 25.68 -20.14
C MET A 104 -15.24 24.43 -20.49
N ARG A 105 -14.56 23.42 -21.06
CA ARG A 105 -15.22 22.15 -21.39
C ARG A 105 -15.82 21.52 -20.13
N GLU A 106 -15.09 21.54 -19.01
CA GLU A 106 -15.61 21.03 -17.75
C GLU A 106 -16.68 21.93 -17.16
N GLN A 107 -16.64 23.24 -17.43
CA GLN A 107 -17.65 24.14 -16.89
C GLN A 107 -19.01 23.83 -17.48
N ILE A 108 -19.07 23.68 -18.81
CA ILE A 108 -20.33 23.37 -19.46
C ILE A 108 -20.84 22.01 -19.02
N ALA A 109 -19.94 21.05 -18.85
CA ALA A 109 -20.36 19.71 -18.44
C ALA A 109 -20.91 19.71 -17.01
N PHE A 110 -20.30 20.46 -16.10
CA PHE A 110 -20.79 20.53 -14.73
C PHE A 110 -22.17 21.17 -14.69
N ILE A 111 -22.29 22.38 -15.25
CA ILE A 111 -23.57 23.06 -15.29
C ILE A 111 -24.66 22.18 -15.91
N LYS A 112 -24.28 21.38 -16.91
CA LYS A 112 -25.20 20.42 -17.51
C LYS A 112 -25.74 19.46 -16.45
N GLY A 113 -24.85 18.75 -15.76
CA GLY A 113 -25.29 17.75 -14.81
C GLY A 113 -25.92 18.36 -13.57
N LEU A 114 -25.40 19.50 -13.13
CA LEU A 114 -26.06 20.26 -12.09
C LEU A 114 -27.48 20.65 -12.49
N TYR A 115 -27.70 21.02 -13.76
CA TYR A 115 -29.04 21.40 -14.18
C TYR A 115 -29.95 20.19 -14.26
N VAL A 116 -29.45 19.05 -14.76
CA VAL A 116 -30.23 17.82 -14.74
C VAL A 116 -30.72 17.51 -13.33
N ALA A 117 -29.83 17.64 -12.35
CA ALA A 117 -30.17 17.23 -10.99
C ALA A 117 -31.06 18.23 -10.27
N GLU A 118 -30.62 19.49 -10.14
CA GLU A 118 -31.32 20.48 -9.32
C GLU A 118 -32.06 21.52 -10.16
N GLY A 119 -32.23 21.28 -11.45
CA GLY A 119 -32.70 22.31 -12.36
C GLY A 119 -34.16 22.19 -12.75
N ASP A 120 -34.73 23.34 -13.13
CA ASP A 120 -36.13 23.47 -13.53
C ASP A 120 -36.32 22.70 -14.84
N LYS A 121 -36.81 21.46 -14.73
CA LYS A 121 -36.78 20.57 -15.89
C LYS A 121 -37.79 20.95 -16.98
N THR A 122 -38.76 21.83 -16.70
CA THR A 122 -39.69 22.20 -17.75
C THR A 122 -39.13 23.24 -18.72
N LEU A 123 -38.09 23.96 -18.35
CA LEU A 123 -37.45 24.98 -19.19
C LEU A 123 -38.39 26.14 -19.55
N LYS A 124 -39.66 26.11 -19.12
CA LYS A 124 -40.47 27.32 -19.21
C LYS A 124 -39.79 28.47 -18.46
N ARG A 125 -39.24 28.19 -17.29
CA ARG A 125 -38.26 29.06 -16.66
C ARG A 125 -36.95 28.29 -16.48
N LEU A 126 -35.86 29.02 -16.31
CA LEU A 126 -34.52 28.42 -16.27
C LEU A 126 -33.90 28.68 -14.89
N ARG A 127 -34.19 27.78 -13.95
CA ARG A 127 -33.87 27.97 -12.54
C ARG A 127 -33.10 26.77 -12.01
N ILE A 128 -32.27 27.02 -11.00
CA ILE A 128 -31.53 25.94 -10.36
C ILE A 128 -31.43 26.23 -8.87
N TRP A 129 -31.81 25.25 -8.04
CA TRP A 129 -31.94 25.43 -6.60
C TRP A 129 -30.80 24.74 -5.86
N ASN A 130 -30.41 25.31 -4.73
CA ASN A 130 -29.40 24.68 -3.87
C ASN A 130 -29.19 25.52 -2.62
N LYS A 131 -28.87 24.88 -1.49
CA LYS A 131 -28.56 25.63 -0.28
C LYS A 131 -27.15 26.18 -0.27
N ASN A 132 -26.30 25.75 -1.19
CA ASN A 132 -24.89 26.19 -1.22
C ASN A 132 -24.79 27.46 -2.05
N LYS A 133 -24.82 28.61 -1.39
CA LYS A 133 -24.77 29.86 -2.13
C LYS A 133 -23.42 30.06 -2.82
N ALA A 134 -22.34 29.57 -2.22
CA ALA A 134 -21.03 29.77 -2.84
C ALA A 134 -20.88 28.95 -4.12
N LEU A 135 -21.49 27.77 -4.16
CA LEU A 135 -21.44 26.98 -5.38
C LEU A 135 -22.26 27.63 -6.49
N LEU A 136 -23.39 28.25 -6.15
CA LEU A 136 -24.18 28.95 -7.17
C LEU A 136 -23.48 30.22 -7.64
N GLU A 137 -22.71 30.88 -6.78
CA GLU A 137 -21.97 32.06 -7.22
C GLU A 137 -20.86 31.70 -8.19
N ILE A 138 -20.18 30.56 -7.94
CA ILE A 138 -19.22 30.04 -8.91
C ILE A 138 -19.87 29.86 -10.28
N VAL A 139 -20.99 29.12 -10.30
CA VAL A 139 -21.69 28.85 -11.55
C VAL A 139 -22.16 30.15 -12.17
N SER A 140 -22.54 31.11 -11.34
CA SER A 140 -23.01 32.40 -11.85
C SER A 140 -21.91 33.12 -12.62
N ARG A 141 -20.70 33.21 -12.04
CA ARG A 141 -19.57 33.76 -12.76
C ARG A 141 -19.31 32.99 -14.07
N TRP A 142 -19.43 31.67 -14.04
CA TRP A 142 -19.20 30.89 -15.26
C TRP A 142 -20.22 31.25 -16.34
N LEU A 143 -21.49 31.37 -15.94
CA LEU A 143 -22.52 31.74 -16.90
C LEU A 143 -22.29 33.13 -17.47
N ASN A 144 -21.96 34.10 -16.63
CA ASN A 144 -21.68 35.45 -17.12
C ASN A 144 -20.58 35.44 -18.17
N ASN A 145 -19.42 34.88 -17.84
CA ASN A 145 -18.34 34.76 -18.81
C ASN A 145 -18.78 34.03 -20.07
N LEU A 146 -19.87 33.27 -20.02
CA LEU A 146 -20.44 32.66 -21.21
C LEU A 146 -21.57 33.48 -21.79
N GLY A 147 -21.82 34.67 -21.24
CA GLY A 147 -22.81 35.57 -21.79
C GLY A 147 -24.24 35.25 -21.45
N VAL A 148 -24.46 34.51 -20.37
CA VAL A 148 -25.81 34.15 -19.93
C VAL A 148 -26.06 34.93 -18.65
N ARG A 149 -26.88 35.97 -18.74
CA ARG A 149 -27.14 36.82 -17.59
C ARG A 149 -27.98 36.04 -16.57
N ASN A 150 -27.79 36.34 -15.29
CA ASN A 150 -28.42 35.52 -14.25
C ASN A 150 -28.45 36.27 -12.92
N THR A 151 -29.19 35.71 -11.95
CA THR A 151 -29.37 36.32 -10.64
C THR A 151 -29.44 35.23 -9.58
N ILE A 152 -29.16 35.59 -8.33
CA ILE A 152 -29.25 34.67 -7.20
C ILE A 152 -30.03 35.34 -6.07
N HIS A 153 -31.17 34.76 -5.69
CA HIS A 153 -31.91 35.25 -4.54
CA HIS A 153 -31.97 35.24 -4.57
C HIS A 153 -32.32 34.06 -3.68
N LEU A 154 -32.76 34.37 -2.45
CA LEU A 154 -33.16 33.32 -1.51
C LEU A 154 -34.58 32.90 -1.84
N ASP A 155 -34.71 31.82 -2.62
CA ASP A 155 -36.02 31.43 -3.11
C ASP A 155 -36.91 30.91 -1.98
N ASP A 156 -36.34 30.18 -1.05
CA ASP A 156 -37.08 29.47 -0.02
C ASP A 156 -36.58 29.92 1.34
N HIS A 157 -37.36 30.75 2.03
CA HIS A 157 -36.98 31.19 3.37
C HIS A 157 -37.19 30.09 4.42
N ARG A 158 -38.09 29.12 4.16
CA ARG A 158 -38.33 28.05 5.14
C ARG A 158 -37.08 27.22 5.39
N HIS A 159 -36.37 26.84 4.34
CA HIS A 159 -35.22 25.96 4.44
C HIS A 159 -33.89 26.62 4.09
N GLY A 160 -33.89 27.87 3.66
CA GLY A 160 -32.66 28.53 3.29
C GLY A 160 -32.10 28.06 1.97
N VAL A 161 -32.95 27.92 0.95
CA VAL A 161 -32.54 27.46 -0.36
C VAL A 161 -32.47 28.67 -1.27
N TYR A 162 -31.30 28.88 -1.88
CA TYR A 162 -31.17 29.94 -2.87
C TYR A 162 -31.49 29.41 -4.27
N VAL A 163 -31.84 30.32 -5.16
CA VAL A 163 -32.12 29.99 -6.54
C VAL A 163 -31.21 30.82 -7.43
N LEU A 164 -30.67 30.17 -8.44
CA LEU A 164 -30.01 30.86 -9.54
C LEU A 164 -31.02 30.86 -10.67
N ASN A 165 -31.46 32.06 -11.04
CA ASN A 165 -32.35 32.22 -12.18
C ASN A 165 -31.54 32.65 -13.39
N ILE A 166 -31.65 31.88 -14.46
CA ILE A 166 -31.15 32.31 -15.75
C ILE A 166 -32.12 33.34 -16.33
N SER A 167 -31.60 34.49 -16.74
CA SER A 167 -32.48 35.42 -17.44
C SER A 167 -32.94 34.78 -18.73
N LEU A 168 -34.22 34.94 -19.02
CA LEU A 168 -34.76 34.26 -20.20
C LEU A 168 -34.35 34.97 -21.49
N ARG A 169 -33.96 36.26 -21.39
CA ARG A 169 -33.32 36.96 -22.50
C ARG A 169 -32.34 36.06 -23.26
N ASP A 170 -31.49 35.34 -22.53
CA ASP A 170 -30.53 34.46 -23.17
C ASP A 170 -30.94 32.99 -23.11
N ARG A 171 -32.23 32.67 -23.27
CA ARG A 171 -32.66 31.27 -23.09
C ARG A 171 -32.13 30.40 -24.22
N ILE A 172 -32.04 30.91 -25.43
CA ILE A 172 -31.53 30.08 -26.52
C ILE A 172 -30.01 29.95 -26.43
N LYS A 173 -29.32 31.02 -26.02
CA LYS A 173 -27.90 30.89 -25.76
C LYS A 173 -27.64 29.82 -24.69
N PHE A 174 -28.50 29.76 -23.67
CA PHE A 174 -28.30 28.81 -22.59
C PHE A 174 -28.60 27.38 -23.03
N VAL A 175 -29.75 27.16 -23.67
CA VAL A 175 -30.13 25.78 -24.00
C VAL A 175 -29.25 25.22 -25.12
N HIS A 176 -28.90 26.04 -26.10
CA HIS A 176 -28.15 25.51 -27.23
C HIS A 176 -26.66 25.39 -26.92
N THR A 177 -26.10 26.29 -26.12
CA THR A 177 -24.66 26.24 -25.88
C THR A 177 -24.29 25.32 -24.75
N ILE A 178 -25.10 25.26 -23.69
CA ILE A 178 -24.70 24.52 -22.49
C ILE A 178 -25.44 23.20 -22.37
N LEU A 179 -26.78 23.24 -22.36
CA LEU A 179 -27.51 22.00 -22.22
C LEU A 179 -27.38 21.09 -23.45
N SER A 180 -26.97 21.62 -24.60
CA SER A 180 -26.98 20.83 -25.84
C SER A 180 -25.60 20.60 -26.47
N SER A 181 -24.50 20.91 -25.78
CA SER A 181 -23.18 20.75 -26.38
C SER A 181 -22.79 19.28 -26.56
N HIS A 182 -22.19 18.96 -27.72
CA HIS A 182 -21.79 17.60 -28.10
C HIS A 182 -20.36 17.26 -27.72
N LEU A 183 -19.65 18.17 -27.07
CA LEU A 183 -18.25 17.98 -26.68
C LEU A 183 -18.10 17.21 -25.34
N ASN A 184 -19.22 16.69 -24.78
CA ASN A 184 -19.35 15.96 -23.52
C ASN A 184 -20.81 15.48 -23.43
N PRO A 185 -21.19 14.65 -22.44
CA PRO A 185 -22.40 13.82 -22.60
C PRO A 185 -23.70 14.62 -22.56
N LEU A 186 -24.68 14.16 -23.35
CA LEU A 186 -25.89 14.91 -23.67
C LEU A 186 -26.96 14.64 -22.63
N PRO A 187 -27.59 15.69 -22.10
CA PRO A 187 -28.55 15.57 -21.00
C PRO A 187 -29.81 14.82 -21.40
N PRO A 188 -30.88 14.75 -20.48
CA PRO A 188 -32.01 13.85 -20.79
C PRO A 188 -32.87 14.38 -21.93
N GLU A 189 -33.23 15.67 -21.85
CA GLU A 189 -34.18 16.32 -22.75
C GLU A 189 -33.49 17.15 -23.82
N ALA A 190 -32.15 17.21 -23.79
CA ALA A 190 -31.37 17.91 -24.79
C ALA A 190 -31.08 17.02 -26.00
N ALA A 191 -30.80 15.73 -25.77
CA ALA A 191 -30.61 14.78 -26.86
C ALA A 191 -31.87 14.60 -27.73
N ALA A 192 -32.98 15.26 -27.38
CA ALA A 192 -34.16 15.41 -28.22
C ALA A 192 -35.07 16.46 -27.59
N LEU A 193 -35.04 17.75 -27.96
CA LEU A 193 -34.31 18.41 -29.07
C LEU A 193 -32.92 17.89 -29.48
N GLU D 6 29.75 -5.50 -5.19
CA GLU D 6 28.34 -5.19 -5.44
C GLU D 6 28.25 -3.96 -6.31
N ASN D 7 29.36 -3.20 -6.33
CA ASN D 7 29.47 -1.92 -7.03
C ASN D 7 28.38 -0.95 -6.58
N VAL D 8 27.11 -1.37 -6.60
CA VAL D 8 26.02 -0.53 -6.09
C VAL D 8 26.34 -0.05 -4.67
N SER D 9 26.78 -0.96 -3.80
CA SER D 9 27.16 -0.54 -2.45
C SER D 9 28.38 0.39 -2.47
N GLY D 10 29.21 0.31 -3.51
CA GLY D 10 30.35 1.19 -3.63
C GLY D 10 30.00 2.62 -4.01
N ILE D 11 29.25 2.81 -5.10
CA ILE D 11 28.68 4.13 -5.38
C ILE D 11 27.78 4.60 -4.23
N SER D 12 27.07 3.69 -3.57
CA SER D 12 26.23 4.08 -2.43
C SER D 12 27.07 4.76 -1.35
N ALA D 13 28.20 4.15 -1.00
CA ALA D 13 29.03 4.66 0.09
C ALA D 13 29.70 5.98 -0.30
N TYR D 14 30.21 6.06 -1.52
CA TYR D 14 30.73 7.33 -2.01
C TYR D 14 29.68 8.42 -1.96
N LEU D 15 28.48 8.15 -2.47
CA LEU D 15 27.41 9.15 -2.43
C LEU D 15 27.04 9.51 -1.00
N LEU D 16 26.94 8.52 -0.10
CA LEU D 16 26.73 8.86 1.29
C LEU D 16 27.83 9.78 1.83
N GLY D 17 29.06 9.61 1.33
CA GLY D 17 30.13 10.50 1.73
C GLY D 17 29.87 11.96 1.37
N LEU D 18 29.45 12.21 0.13
CA LEU D 18 29.10 13.59 -0.23
C LEU D 18 27.89 14.06 0.56
N ILE D 19 26.88 13.19 0.76
CA ILE D 19 25.64 13.61 1.41
C ILE D 19 25.91 14.07 2.83
N ILE D 20 26.61 13.24 3.60
CA ILE D 20 26.97 13.62 4.97
C ILE D 20 27.89 14.83 4.96
N GLY D 21 28.82 14.87 4.00
CA GLY D 21 29.74 15.98 3.93
C GLY D 21 29.06 17.26 3.50
N ASP D 22 28.49 17.29 2.29
CA ASP D 22 28.04 18.53 1.70
C ASP D 22 26.53 18.59 1.51
N GLY D 23 25.78 17.69 2.11
CA GLY D 23 24.34 17.76 1.93
C GLY D 23 23.57 17.33 3.15
N GLY D 24 22.56 16.50 2.95
CA GLY D 24 21.86 15.97 4.10
C GLY D 24 20.73 15.09 3.67
N LEU D 25 20.10 14.50 4.67
CA LEU D 25 18.92 13.67 4.52
C LEU D 25 17.81 14.36 5.30
N TYR D 26 16.83 14.90 4.59
CA TYR D 26 15.82 15.74 5.20
C TYR D 26 14.44 15.08 5.15
N LYS D 27 13.78 15.03 6.32
CA LYS D 27 12.39 14.60 6.45
C LYS D 27 11.56 15.80 6.91
N LEU D 28 10.93 16.47 5.95
CA LEU D 28 10.20 17.71 6.22
C LEU D 28 8.73 17.44 6.47
N LYS D 29 8.14 18.22 7.37
CA LYS D 29 6.70 18.18 7.60
C LYS D 29 6.12 19.56 7.33
N TYR D 30 5.29 19.65 6.30
CA TYR D 30 4.65 20.87 5.87
C TYR D 30 3.23 20.98 6.42
N LYS D 31 2.62 22.15 6.21
CA LYS D 31 1.20 22.31 6.50
C LYS D 31 0.42 21.85 5.29
N GLY D 32 -0.61 21.02 5.45
CA GLY D 32 -0.81 20.15 6.58
C GLY D 32 -1.59 18.96 6.03
N ASN D 33 -1.36 17.75 6.52
CA ASN D 33 -0.12 17.34 7.12
C ASN D 33 0.72 16.76 5.99
N ARG D 34 1.17 17.59 5.04
CA ARG D 34 1.95 17.06 3.92
C ARG D 34 3.40 16.80 4.34
N SER D 35 4.12 16.05 3.51
CA SER D 35 5.46 15.65 3.89
C SER D 35 6.36 15.60 2.67
N GLU D 36 7.63 15.31 2.92
CA GLU D 36 8.60 15.09 1.84
C GLU D 36 9.86 14.51 2.45
N TYR D 37 10.58 13.74 1.63
CA TYR D 37 11.84 13.14 2.03
C TYR D 37 12.89 13.54 1.00
N ARG D 38 13.96 14.19 1.43
CA ARG D 38 14.95 14.72 0.50
C ARG D 38 16.30 14.06 0.74
N VAL D 39 16.93 13.62 -0.35
CA VAL D 39 18.35 13.34 -0.40
C VAL D 39 19.00 14.48 -1.15
N VAL D 40 19.96 15.14 -0.49
CA VAL D 40 20.55 16.38 -0.97
C VAL D 40 22.07 16.27 -0.98
N ILE D 41 22.68 16.72 -2.06
CA ILE D 41 24.08 17.12 -2.08
C ILE D 41 24.13 18.55 -2.60
N THR D 42 24.93 19.42 -1.95
CA THR D 42 25.18 20.76 -2.48
C THR D 42 26.64 20.91 -2.87
N GLN D 43 26.89 21.80 -3.86
CA GLN D 43 28.21 22.07 -4.42
C GLN D 43 28.14 23.33 -5.27
N LYS D 44 29.23 24.10 -5.32
CA LYS D 44 29.18 25.28 -6.18
C LYS D 44 29.49 24.93 -7.64
N SER D 45 30.43 24.02 -7.86
CA SER D 45 30.81 23.62 -9.21
C SER D 45 29.65 22.99 -9.99
N GLU D 46 29.12 23.70 -10.99
CA GLU D 46 28.08 23.13 -11.82
C GLU D 46 28.55 21.87 -12.53
N ASN D 47 29.83 21.84 -12.91
CA ASN D 47 30.35 20.69 -13.64
C ASN D 47 30.40 19.47 -12.74
N LEU D 48 30.91 19.64 -11.52
CA LEU D 48 30.94 18.54 -10.57
C LEU D 48 29.55 17.97 -10.32
N ILE D 49 28.55 18.85 -10.20
CA ILE D 49 27.18 18.42 -9.91
C ILE D 49 26.58 17.70 -11.11
N LYS D 50 26.61 18.33 -12.29
CA LYS D 50 25.88 17.77 -13.43
C LYS D 50 26.65 16.66 -14.11
N GLN D 51 27.96 16.76 -14.19
CA GLN D 51 28.75 15.83 -14.98
C GLN D 51 29.28 14.66 -14.18
N HIS D 52 29.34 14.76 -12.85
CA HIS D 52 29.90 13.72 -12.01
C HIS D 52 28.90 13.18 -11.00
N PHE D 53 28.36 14.04 -10.13
CA PHE D 53 27.49 13.56 -9.05
C PHE D 53 26.16 13.06 -9.59
N ALA D 54 25.49 13.86 -10.42
CA ALA D 54 24.19 13.47 -10.93
C ALA D 54 24.18 12.12 -11.65
N PRO D 55 25.17 11.77 -12.49
CA PRO D 55 25.11 10.47 -13.16
C PRO D 55 25.20 9.27 -12.22
N LEU D 56 26.04 9.34 -11.17
CA LEU D 56 26.07 8.28 -10.18
C LEU D 56 24.73 8.15 -9.48
N MET D 57 24.15 9.27 -9.07
CA MET D 57 22.84 9.25 -8.44
C MET D 57 21.80 8.68 -9.40
N GLN D 58 21.86 9.05 -10.67
CA GLN D 58 20.96 8.47 -11.66
C GLN D 58 21.07 6.96 -11.70
N PHE D 59 22.30 6.45 -11.71
CA PHE D 59 22.49 5.00 -11.75
C PHE D 59 21.80 4.34 -10.58
N LEU D 60 21.98 4.90 -9.39
CA LEU D 60 21.43 4.28 -8.20
C LEU D 60 19.91 4.39 -8.18
N ILE D 61 19.37 5.51 -8.65
CA ILE D 61 17.92 5.65 -8.81
CA ILE D 61 17.91 5.65 -8.83
C ILE D 61 17.39 4.56 -9.75
N ASP D 62 18.09 4.34 -10.88
CA ASP D 62 17.68 3.29 -11.80
C ASP D 62 17.76 1.91 -11.16
N GLU D 63 18.74 1.70 -10.28
CA GLU D 63 18.98 0.38 -9.73
C GLU D 63 17.94 0.00 -8.70
N LEU D 64 17.37 0.97 -7.98
CA LEU D 64 16.39 0.68 -6.95
C LEU D 64 14.98 1.02 -7.39
N ASN D 65 14.77 1.35 -8.67
CA ASN D 65 13.47 1.66 -9.22
C ASN D 65 12.81 2.88 -8.56
N VAL D 66 13.59 3.79 -7.99
CA VAL D 66 13.06 5.05 -7.50
C VAL D 66 12.51 5.85 -8.67
N LYS D 67 11.24 6.25 -8.61
CA LYS D 67 10.67 6.98 -9.74
C LYS D 67 10.90 8.47 -9.64
N SER D 68 11.35 8.97 -8.49
CA SER D 68 11.65 10.38 -8.35
C SER D 68 12.68 10.81 -9.37
N LYS D 69 12.65 12.07 -9.69
CA LYS D 69 13.66 12.52 -10.62
C LYS D 69 14.77 13.24 -9.88
N ILE D 70 15.85 13.48 -10.62
CA ILE D 70 16.97 14.25 -10.09
C ILE D 70 16.69 15.72 -10.32
N GLN D 71 16.74 16.52 -9.27
CA GLN D 71 16.56 17.96 -9.36
C GLN D 71 17.87 18.68 -9.08
N ILE D 72 18.24 19.60 -9.96
CA ILE D 72 19.41 20.46 -9.80
C ILE D 72 18.88 21.88 -9.58
N VAL D 73 18.83 22.33 -8.33
CA VAL D 73 18.35 23.67 -8.02
C VAL D 73 19.54 24.63 -7.95
N LYS D 74 19.49 25.71 -8.71
CA LYS D 74 20.53 26.75 -8.61
C LYS D 74 20.16 27.71 -7.50
N GLY D 75 20.98 27.76 -6.46
CA GLY D 75 20.79 28.68 -5.37
C GLY D 75 21.70 29.87 -5.56
N ASP D 76 21.51 30.86 -4.68
CA ASP D 76 22.42 32.00 -4.64
C ASP D 76 23.88 31.54 -4.67
N THR D 77 24.29 30.76 -3.66
CA THR D 77 25.70 30.48 -3.42
C THR D 77 26.16 29.09 -3.85
N ARG D 78 25.25 28.24 -4.34
CA ARG D 78 25.62 26.86 -4.69
C ARG D 78 24.45 26.16 -5.36
N TYR D 79 24.77 25.11 -6.09
CA TYR D 79 23.76 24.18 -6.60
C TYR D 79 23.41 23.14 -5.56
N GLU D 80 22.16 22.70 -5.58
CA GLU D 80 21.65 21.60 -4.76
C GLU D 80 21.20 20.51 -5.71
N LEU D 81 21.84 19.36 -5.65
CA LEU D 81 21.32 18.15 -6.28
C LEU D 81 20.31 17.52 -5.32
N ARG D 82 19.05 17.43 -5.72
CA ARG D 82 17.99 16.98 -4.84
C ARG D 82 17.21 15.83 -5.45
N VAL D 83 17.00 14.78 -4.66
CA VAL D 83 16.05 13.73 -5.02
C VAL D 83 14.98 13.68 -3.94
N SER D 84 13.74 13.94 -4.32
CA SER D 84 12.62 13.90 -3.39
C SER D 84 12.02 12.49 -3.42
N SER D 85 12.37 11.65 -2.45
CA SER D 85 11.99 10.24 -2.51
C SER D 85 12.06 9.61 -1.12
N LYS D 86 10.89 9.27 -0.56
CA LYS D 86 10.87 8.53 0.71
C LYS D 86 11.71 7.27 0.63
N LYS D 87 11.77 6.62 -0.53
CA LYS D 87 12.49 5.36 -0.62
C LYS D 87 13.99 5.57 -0.59
N LEU D 88 14.47 6.55 -1.34
CA LEU D 88 15.90 6.81 -1.36
C LEU D 88 16.37 7.37 -0.01
N TYR D 89 15.54 8.20 0.59
CA TYR D 89 15.85 8.72 1.91
C TYR D 89 16.10 7.58 2.89
N TYR D 90 15.22 6.58 2.95
CA TYR D 90 15.40 5.53 3.97
C TYR D 90 16.56 4.62 3.60
N TYR D 91 16.71 4.35 2.31
CA TYR D 91 17.89 3.64 1.83
C TYR D 91 19.17 4.25 2.42
N PHE D 92 19.39 5.56 2.21
CA PHE D 92 20.57 6.24 2.73
C PHE D 92 20.54 6.38 4.25
N ALA D 93 19.37 6.70 4.80
CA ALA D 93 19.27 6.85 6.25
C ALA D 93 19.61 5.55 6.95
N ASN D 94 19.17 4.42 6.39
CA ASN D 94 19.46 3.11 7.00
C ASN D 94 20.94 2.75 6.86
N MET D 95 21.59 3.25 5.81
CA MET D 95 23.03 3.05 5.66
C MET D 95 23.80 3.81 6.73
N GLN D 96 23.38 5.04 7.03
CA GLN D 96 24.03 5.79 8.09
C GLN D 96 23.99 5.03 9.41
N GLU D 97 22.83 4.45 9.75
CA GLU D 97 22.72 3.68 10.98
C GLU D 97 23.72 2.53 11.00
N ARG D 98 23.84 1.79 9.90
CA ARG D 98 24.69 0.62 9.82
CA ARG D 98 24.70 0.62 9.85
C ARG D 98 26.10 0.93 9.32
N ILE D 99 26.59 2.15 9.55
CA ILE D 99 27.87 2.58 8.97
C ILE D 99 29.04 1.83 9.60
N ARG D 100 28.96 1.53 10.90
CA ARG D 100 30.06 0.81 11.55
C ARG D 100 30.37 -0.53 10.87
N LEU D 101 29.39 -1.09 10.17
CA LEU D 101 29.48 -2.44 9.60
C LEU D 101 30.01 -2.44 8.17
N PHE D 102 30.43 -1.30 7.65
CA PHE D 102 30.93 -1.26 6.28
C PHE D 102 32.11 -2.20 6.13
N ASN D 103 32.09 -2.97 5.03
CA ASN D 103 33.28 -3.70 4.60
C ASN D 103 34.30 -2.69 4.05
N MET D 104 35.40 -3.20 3.52
CA MET D 104 36.51 -2.32 3.16
C MET D 104 36.31 -1.68 1.79
N ARG D 105 35.67 -2.36 0.85
CA ARG D 105 35.29 -1.68 -0.39
C ARG D 105 34.46 -0.43 -0.09
N GLU D 106 33.56 -0.51 0.89
CA GLU D 106 32.67 0.59 1.23
C GLU D 106 33.40 1.67 2.05
N GLN D 107 34.27 1.28 2.99
CA GLN D 107 35.04 2.27 3.74
C GLN D 107 35.82 3.17 2.81
N ILE D 108 36.54 2.59 1.85
CA ILE D 108 37.33 3.40 0.94
C ILE D 108 36.42 4.33 0.16
N ALA D 109 35.25 3.83 -0.25
CA ALA D 109 34.34 4.66 -1.03
C ALA D 109 33.80 5.81 -0.20
N PHE D 110 33.43 5.53 1.05
CA PHE D 110 32.86 6.57 1.91
C PHE D 110 33.91 7.62 2.26
N ILE D 111 35.11 7.19 2.65
CA ILE D 111 36.18 8.13 2.96
C ILE D 111 36.50 9.00 1.74
N LYS D 112 36.50 8.39 0.56
CA LYS D 112 36.75 9.16 -0.64
C LYS D 112 35.66 10.22 -0.83
N GLY D 113 34.39 9.84 -0.59
CA GLY D 113 33.30 10.79 -0.73
C GLY D 113 33.37 11.88 0.31
N LEU D 114 33.65 11.51 1.56
CA LEU D 114 33.78 12.49 2.61
C LEU D 114 34.90 13.48 2.29
N TYR D 115 36.03 12.97 1.76
CA TYR D 115 37.16 13.84 1.45
C TYR D 115 36.81 14.80 0.34
N VAL D 116 36.17 14.31 -0.73
CA VAL D 116 35.66 15.21 -1.77
C VAL D 116 34.85 16.34 -1.17
N ALA D 117 33.96 16.02 -0.21
CA ALA D 117 33.11 17.06 0.35
C ALA D 117 33.86 17.93 1.36
N GLU D 118 34.57 17.32 2.33
CA GLU D 118 35.04 18.05 3.50
C GLU D 118 36.57 18.05 3.62
N GLY D 119 37.29 17.61 2.60
CA GLY D 119 38.71 17.45 2.70
C GLY D 119 39.47 18.67 2.23
N ASP D 120 40.75 18.69 2.56
CA ASP D 120 41.68 19.71 2.10
C ASP D 120 42.08 19.39 0.66
N LYS D 121 41.59 20.21 -0.29
CA LYS D 121 41.84 19.94 -1.72
C LYS D 121 43.21 20.44 -2.19
N THR D 122 43.71 21.51 -1.57
CA THR D 122 45.10 21.96 -1.64
C THR D 122 46.10 20.79 -1.67
N LEU D 123 45.82 19.74 -0.89
CA LEU D 123 46.65 18.55 -0.77
C LEU D 123 48.04 18.80 -0.19
N LYS D 124 48.43 20.07 0.00
CA LYS D 124 49.61 20.35 0.80
C LYS D 124 49.53 19.68 2.16
N ARG D 125 48.33 19.58 2.73
CA ARG D 125 48.07 18.84 3.95
C ARG D 125 46.85 17.96 3.72
N LEU D 126 46.66 16.95 4.56
CA LEU D 126 45.54 16.02 4.41
C LEU D 126 44.63 16.12 5.64
N ARG D 127 43.57 16.94 5.56
CA ARG D 127 42.67 17.16 6.70
C ARG D 127 41.21 17.05 6.29
N ILE D 128 40.38 16.54 7.21
CA ILE D 128 38.93 16.51 7.04
C ILE D 128 38.29 17.23 8.22
N TRP D 129 37.34 18.11 7.94
CA TRP D 129 36.65 18.87 8.98
C TRP D 129 35.22 18.36 9.17
N ASN D 130 34.76 18.37 10.43
CA ASN D 130 33.35 18.04 10.70
C ASN D 130 33.02 18.30 12.18
N LYS D 131 31.80 18.79 12.42
CA LYS D 131 31.28 18.86 13.80
C LYS D 131 31.06 17.48 14.41
N ASN D 132 30.76 16.47 13.61
CA ASN D 132 30.43 15.16 14.17
C ASN D 132 31.72 14.43 14.57
N LYS D 133 32.10 14.56 15.84
CA LYS D 133 33.32 13.88 16.29
C LYS D 133 33.19 12.37 16.19
N ALA D 134 32.01 11.81 16.50
CA ALA D 134 31.89 10.36 16.49
C ALA D 134 32.11 9.82 15.08
N LEU D 135 31.76 10.60 14.06
CA LEU D 135 31.99 10.15 12.70
C LEU D 135 33.49 10.17 12.35
N LEU D 136 34.22 11.22 12.76
CA LEU D 136 35.65 11.24 12.48
C LEU D 136 36.38 10.10 13.18
N GLU D 137 35.93 9.72 14.37
CA GLU D 137 36.58 8.60 15.06
C GLU D 137 36.38 7.27 14.33
N ILE D 138 35.21 7.07 13.74
CA ILE D 138 34.99 5.89 12.89
C ILE D 138 35.91 5.93 11.69
N VAL D 139 36.02 7.10 11.04
CA VAL D 139 36.94 7.25 9.93
C VAL D 139 38.37 7.02 10.40
N SER D 140 38.72 7.54 11.58
CA SER D 140 40.08 7.37 12.10
C SER D 140 40.46 5.91 12.26
N ARG D 141 39.58 5.09 12.86
CA ARG D 141 39.88 3.67 13.00
C ARG D 141 40.07 3.02 11.64
N TRP D 142 39.21 3.35 10.67
CA TRP D 142 39.34 2.74 9.34
C TRP D 142 40.68 3.11 8.71
N LEU D 143 41.14 4.35 8.89
CA LEU D 143 42.43 4.74 8.34
C LEU D 143 43.57 4.01 9.04
N ASN D 144 43.48 3.86 10.36
CA ASN D 144 44.52 3.15 11.09
C ASN D 144 44.71 1.75 10.52
N ASN D 145 43.61 1.06 10.22
CA ASN D 145 43.75 -0.32 9.75
C ASN D 145 44.12 -0.42 8.28
N LEU D 146 44.08 0.67 7.53
CA LEU D 146 44.69 0.69 6.21
C LEU D 146 46.08 1.29 6.21
N GLY D 147 46.69 1.48 7.38
CA GLY D 147 48.07 1.91 7.45
C GLY D 147 48.27 3.40 7.35
N VAL D 148 47.25 4.17 7.65
CA VAL D 148 47.28 5.62 7.50
C VAL D 148 47.06 6.18 8.90
N ARG D 149 48.12 6.75 9.47
CA ARG D 149 48.02 7.33 10.80
C ARG D 149 47.44 8.73 10.72
N ASN D 150 46.82 9.16 11.82
CA ASN D 150 45.97 10.34 11.82
C ASN D 150 45.64 10.73 13.25
N THR D 151 45.18 11.96 13.44
CA THR D 151 44.82 12.46 14.76
C THR D 151 43.55 13.28 14.66
N ILE D 152 42.79 13.32 15.75
CA ILE D 152 41.62 14.17 15.84
C ILE D 152 41.84 15.20 16.96
N HIS D 153 41.55 16.46 16.67
CA HIS D 153 41.45 17.44 17.74
CA HIS D 153 41.58 17.54 17.65
C HIS D 153 40.43 18.48 17.35
N LEU D 154 40.00 19.24 18.35
CA LEU D 154 39.02 20.29 18.11
C LEU D 154 39.72 21.45 17.40
N ASP D 155 39.42 21.65 16.12
CA ASP D 155 40.16 22.65 15.35
C ASP D 155 39.64 24.06 15.56
N ASP D 156 38.33 24.25 15.62
CA ASP D 156 37.71 25.57 15.53
C ASP D 156 36.78 25.77 16.72
N HIS D 157 37.23 26.53 17.71
CA HIS D 157 36.38 26.73 18.88
C HIS D 157 35.21 27.68 18.59
N ARG D 158 35.19 28.37 17.44
CA ARG D 158 34.07 29.25 17.16
C ARG D 158 32.81 28.45 16.82
N HIS D 159 32.96 27.28 16.20
CA HIS D 159 31.83 26.47 15.79
C HIS D 159 31.97 25.00 16.21
N GLY D 160 32.89 24.69 17.12
CA GLY D 160 33.06 23.29 17.50
C GLY D 160 33.33 22.35 16.34
N VAL D 161 34.16 22.76 15.39
CA VAL D 161 34.50 21.91 14.26
C VAL D 161 35.75 21.12 14.60
N TYR D 162 35.64 19.79 14.55
CA TYR D 162 36.81 18.94 14.74
C TYR D 162 37.49 18.75 13.39
N VAL D 163 38.79 18.46 13.47
CA VAL D 163 39.60 18.15 12.29
C VAL D 163 40.19 16.76 12.48
N LEU D 164 40.21 15.99 11.41
CA LEU D 164 40.94 14.74 11.35
C LEU D 164 42.18 15.03 10.52
N ASN D 165 43.34 14.90 11.13
CA ASN D 165 44.58 15.22 10.45
C ASN D 165 45.26 13.93 10.04
N ILE D 166 45.51 13.78 8.76
CA ILE D 166 46.23 12.62 8.25
C ILE D 166 47.72 12.93 8.18
N SER D 167 48.53 12.01 8.69
CA SER D 167 49.96 12.25 8.79
C SER D 167 50.59 12.31 7.41
N LEU D 168 51.41 13.34 7.17
CA LEU D 168 52.13 13.43 5.90
C LEU D 168 53.14 12.31 5.72
N ARG D 169 53.49 11.58 6.78
CA ARG D 169 54.36 10.41 6.63
C ARG D 169 53.67 9.27 5.90
N ASP D 170 52.34 9.33 5.76
CA ASP D 170 51.60 8.34 4.99
C ASP D 170 50.83 8.99 3.84
N ARG D 171 51.29 10.15 3.37
CA ARG D 171 50.64 10.84 2.26
C ARG D 171 50.47 9.92 1.05
N ILE D 172 51.54 9.24 0.63
CA ILE D 172 51.47 8.48 -0.61
C ILE D 172 50.52 7.31 -0.45
N LYS D 173 50.52 6.66 0.72
CA LYS D 173 49.59 5.56 0.95
C LYS D 173 48.15 6.04 0.92
N PHE D 174 47.91 7.25 1.44
CA PHE D 174 46.54 7.74 1.49
C PHE D 174 46.03 8.10 0.09
N VAL D 175 46.72 9.01 -0.60
CA VAL D 175 46.26 9.50 -1.90
C VAL D 175 46.15 8.39 -2.94
N HIS D 176 46.82 7.26 -2.73
CA HIS D 176 46.73 6.19 -3.71
C HIS D 176 45.90 5.01 -3.28
N THR D 177 45.74 4.76 -1.98
CA THR D 177 44.81 3.71 -1.57
C THR D 177 43.37 4.20 -1.53
N ILE D 178 43.12 5.50 -1.42
CA ILE D 178 41.80 6.03 -1.16
C ILE D 178 41.35 7.03 -2.25
N LEU D 179 42.17 8.03 -2.50
CA LEU D 179 41.69 9.05 -3.43
C LEU D 179 41.83 8.61 -4.88
N SER D 180 42.78 7.75 -5.18
CA SER D 180 42.92 7.16 -6.51
C SER D 180 42.38 5.73 -6.57
N SER D 181 41.27 5.50 -5.87
CA SER D 181 40.46 4.30 -6.01
C SER D 181 39.35 4.53 -7.03
N HIS D 182 38.75 3.43 -7.49
CA HIS D 182 37.74 3.52 -8.55
C HIS D 182 36.65 2.45 -8.40
N LEU D 183 36.91 1.44 -7.58
CA LEU D 183 35.98 0.32 -7.38
C LEU D 183 34.79 0.71 -6.49
N GLU G 6 -11.31 -26.20 -7.07
CA GLU G 6 -10.56 -24.96 -6.86
C GLU G 6 -9.12 -25.29 -6.46
N ASN G 7 -8.59 -26.39 -7.02
CA ASN G 7 -7.16 -26.71 -7.05
C ASN G 7 -6.45 -26.54 -5.70
N VAL G 8 -6.42 -25.29 -5.23
CA VAL G 8 -5.65 -24.89 -4.05
C VAL G 8 -6.44 -25.04 -2.75
N SER G 9 -7.77 -25.01 -2.80
CA SER G 9 -8.58 -25.11 -1.60
C SER G 9 -8.40 -26.44 -0.90
N GLY G 10 -8.19 -27.52 -1.65
CA GLY G 10 -8.04 -28.82 -1.03
C GLY G 10 -6.73 -28.95 -0.27
N ILE G 11 -5.65 -28.41 -0.81
CA ILE G 11 -4.38 -28.50 -0.10
C ILE G 11 -4.39 -27.55 1.09
N SER G 12 -5.02 -26.38 0.94
CA SER G 12 -5.20 -25.48 2.08
C SER G 12 -5.85 -26.19 3.26
N ALA G 13 -6.95 -26.89 3.00
CA ALA G 13 -7.66 -27.59 4.06
C ALA G 13 -6.77 -28.65 4.69
N TYR G 14 -6.10 -29.44 3.86
CA TYR G 14 -5.21 -30.46 4.40
C TYR G 14 -4.13 -29.82 5.27
N LEU G 15 -3.50 -28.76 4.78
CA LEU G 15 -2.47 -28.07 5.56
C LEU G 15 -3.03 -27.53 6.87
N LEU G 16 -4.20 -26.87 6.81
CA LEU G 16 -4.78 -26.34 8.03
C LEU G 16 -5.07 -27.45 9.04
N GLY G 17 -5.31 -28.67 8.56
CA GLY G 17 -5.34 -29.82 9.45
C GLY G 17 -4.03 -30.05 10.19
N LEU G 18 -2.92 -30.12 9.45
CA LEU G 18 -1.62 -30.21 10.11
C LEU G 18 -1.37 -29.03 11.06
N ILE G 19 -1.59 -27.80 10.59
CA ILE G 19 -1.34 -26.60 11.41
C ILE G 19 -2.09 -26.68 12.74
N ILE G 20 -3.43 -26.74 12.67
CA ILE G 20 -4.24 -26.81 13.89
C ILE G 20 -3.82 -28.00 14.75
N GLY G 21 -3.56 -29.15 14.14
CA GLY G 21 -3.14 -30.31 14.89
C GLY G 21 -1.76 -30.21 15.52
N ASP G 22 -0.70 -30.04 14.71
CA ASP G 22 0.67 -30.17 15.19
C ASP G 22 1.48 -28.88 15.08
N GLY G 23 0.83 -27.74 14.91
CA GLY G 23 1.54 -26.48 14.70
C GLY G 23 0.81 -25.33 15.36
N GLY G 24 0.90 -24.15 14.72
CA GLY G 24 0.20 -23.00 15.24
C GLY G 24 0.26 -21.80 14.31
N LEU G 25 -0.70 -20.91 14.51
CA LEU G 25 -0.72 -19.60 13.90
C LEU G 25 -0.35 -18.59 14.97
N TYR G 26 0.75 -17.88 14.78
CA TYR G 26 1.34 -17.06 15.84
C TYR G 26 1.54 -15.64 15.34
N LYS G 27 0.89 -14.69 16.02
CA LYS G 27 1.04 -13.26 15.80
C LYS G 27 1.89 -12.71 16.92
N LEU G 28 3.16 -12.41 16.65
CA LEU G 28 4.12 -12.04 17.68
C LEU G 28 4.38 -10.53 17.67
N LYS G 29 4.55 -9.96 18.86
CA LYS G 29 4.98 -8.58 19.04
C LYS G 29 6.38 -8.53 19.65
N TYR G 30 7.19 -7.62 19.16
CA TYR G 30 8.58 -7.56 19.55
C TYR G 30 8.95 -6.17 20.01
N LYS G 31 10.10 -6.07 20.66
CA LYS G 31 10.77 -4.80 20.86
C LYS G 31 11.24 -4.32 19.46
N GLY G 32 10.88 -3.14 19.01
CA GLY G 32 9.66 -2.41 19.31
C GLY G 32 9.66 -1.44 18.13
N ASN G 33 8.54 -1.17 17.48
CA ASN G 33 7.38 -2.03 17.45
C ASN G 33 7.57 -3.07 16.35
N ARG G 34 8.56 -3.94 16.49
CA ARG G 34 8.67 -5.02 15.52
C ARG G 34 7.55 -6.06 15.72
N SER G 35 7.37 -6.90 14.70
CA SER G 35 6.28 -7.86 14.71
C SER G 35 6.66 -9.04 13.83
N GLU G 36 5.86 -10.10 13.90
CA GLU G 36 6.08 -11.25 13.04
C GLU G 36 4.83 -12.13 13.02
N TYR G 37 4.64 -12.82 11.91
CA TYR G 37 3.44 -13.61 11.65
C TYR G 37 3.86 -15.00 11.20
N ARG G 38 3.51 -16.03 11.99
CA ARG G 38 4.06 -17.36 11.76
C ARG G 38 2.97 -18.38 11.47
N VAL G 39 3.18 -19.15 10.42
CA VAL G 39 2.47 -20.39 10.15
C VAL G 39 3.45 -21.51 10.43
N VAL G 40 3.09 -22.42 11.34
CA VAL G 40 4.02 -23.44 11.84
C VAL G 40 3.35 -24.80 11.81
N ILE G 41 4.03 -25.79 11.24
CA ILE G 41 3.75 -27.21 11.47
C ILE G 41 5.00 -27.83 12.05
N THR G 42 4.91 -28.40 13.25
CA THR G 42 6.03 -29.16 13.78
C THR G 42 5.81 -30.66 13.59
N GLN G 43 6.92 -31.39 13.41
CA GLN G 43 6.95 -32.84 13.19
C GLN G 43 8.34 -33.34 13.55
N LYS G 44 8.47 -34.63 13.88
CA LYS G 44 9.82 -35.16 14.14
C LYS G 44 10.41 -35.95 12.97
N SER G 45 9.60 -36.47 12.07
CA SER G 45 10.11 -37.20 10.91
C SER G 45 10.59 -36.22 9.84
N GLU G 46 11.90 -36.00 9.80
CA GLU G 46 12.52 -35.08 8.83
C GLU G 46 12.08 -35.38 7.41
N ASN G 47 12.03 -36.66 7.04
CA ASN G 47 11.64 -37.00 5.68
C ASN G 47 10.22 -36.55 5.40
N LEU G 48 9.31 -36.75 6.36
CA LEU G 48 7.92 -36.38 6.18
C LEU G 48 7.76 -34.87 6.03
N ILE G 49 8.50 -34.10 6.82
CA ILE G 49 8.37 -32.66 6.79
C ILE G 49 9.05 -32.07 5.55
N LYS G 50 10.18 -32.66 5.12
CA LYS G 50 10.92 -32.11 3.98
C LYS G 50 10.34 -32.56 2.65
N GLN G 51 9.82 -33.77 2.57
CA GLN G 51 9.46 -34.31 1.27
C GLN G 51 7.96 -34.41 1.03
N HIS G 52 7.12 -34.22 2.06
CA HIS G 52 5.67 -34.17 1.87
C HIS G 52 5.05 -32.85 2.29
N PHE G 53 5.27 -32.38 3.52
CA PHE G 53 4.64 -31.15 3.97
C PHE G 53 5.20 -29.93 3.24
N ALA G 54 6.54 -29.77 3.28
CA ALA G 54 7.15 -28.60 2.67
C ALA G 54 6.84 -28.45 1.19
N PRO G 55 6.85 -29.51 0.36
CA PRO G 55 6.36 -29.34 -1.02
C PRO G 55 4.93 -28.82 -1.14
N LEU G 56 3.97 -29.25 -0.31
CA LEU G 56 2.63 -28.69 -0.50
C LEU G 56 2.56 -27.25 -0.02
N MET G 57 3.29 -26.91 1.06
CA MET G 57 3.34 -25.52 1.47
C MET G 57 3.99 -24.67 0.39
N GLN G 58 5.08 -25.15 -0.20
CA GLN G 58 5.75 -24.42 -1.27
C GLN G 58 4.80 -24.16 -2.42
N PHE G 59 4.10 -25.20 -2.87
CA PHE G 59 3.07 -25.03 -3.89
C PHE G 59 2.08 -23.94 -3.49
N LEU G 60 1.55 -24.03 -2.27
CA LEU G 60 0.60 -23.04 -1.79
C LEU G 60 1.21 -21.64 -1.79
N ILE G 61 2.44 -21.51 -1.27
CA ILE G 61 3.10 -20.22 -1.28
CA ILE G 61 3.13 -20.22 -1.29
C ILE G 61 3.13 -19.62 -2.69
N ASP G 62 3.40 -20.46 -3.70
CA ASP G 62 3.57 -19.94 -5.05
C ASP G 62 2.26 -19.39 -5.61
N GLU G 63 1.21 -20.19 -5.59
CA GLU G 63 -0.02 -19.71 -6.19
C GLU G 63 -0.61 -18.52 -5.45
N LEU G 64 -0.30 -18.33 -4.16
CA LEU G 64 -0.69 -17.10 -3.48
C LEU G 64 0.33 -15.99 -3.68
N ASN G 65 1.44 -16.27 -4.35
CA ASN G 65 2.52 -15.31 -4.55
C ASN G 65 2.95 -14.66 -3.25
N VAL G 66 3.07 -15.48 -2.23
CA VAL G 66 3.84 -15.13 -1.05
C VAL G 66 5.32 -15.26 -1.37
N LYS G 67 6.13 -14.34 -0.88
CA LYS G 67 7.55 -14.31 -1.20
C LYS G 67 8.42 -14.81 -0.07
N SER G 68 7.83 -15.16 1.08
CA SER G 68 8.57 -15.69 2.20
C SER G 68 9.14 -17.07 1.85
N LYS G 69 10.14 -17.48 2.60
CA LYS G 69 10.72 -18.81 2.39
C LYS G 69 10.21 -19.77 3.47
N ILE G 70 10.30 -21.06 3.17
CA ILE G 70 9.89 -22.09 4.10
C ILE G 70 11.09 -22.44 4.97
N GLN G 71 11.06 -21.98 6.21
CA GLN G 71 12.10 -22.29 7.18
C GLN G 71 11.86 -23.66 7.80
N ILE G 72 12.90 -24.48 7.84
CA ILE G 72 12.89 -25.77 8.53
C ILE G 72 13.95 -25.72 9.61
N VAL G 73 13.54 -25.80 10.86
CA VAL G 73 14.40 -25.53 12.01
C VAL G 73 14.47 -26.81 12.84
N LYS G 74 15.66 -27.43 12.86
CA LYS G 74 15.92 -28.52 13.80
C LYS G 74 15.84 -28.01 15.23
N GLY G 75 15.16 -28.76 16.08
CA GLY G 75 15.02 -28.40 17.47
C GLY G 75 15.27 -29.59 18.39
N ASP G 76 15.18 -29.30 19.69
CA ASP G 76 15.04 -30.30 20.75
C ASP G 76 14.45 -31.61 20.26
N THR G 77 13.14 -31.65 20.03
CA THR G 77 12.43 -32.89 19.85
C THR G 77 11.74 -33.00 18.50
N ARG G 78 11.74 -31.95 17.68
CA ARG G 78 10.97 -31.96 16.45
C ARG G 78 11.52 -30.92 15.48
N TYR G 79 11.29 -31.16 14.21
CA TYR G 79 11.51 -30.15 13.20
C TYR G 79 10.35 -29.16 13.21
N GLU G 80 10.61 -27.95 12.72
CA GLU G 80 9.62 -26.88 12.65
C GLU G 80 9.61 -26.37 11.21
N LEU G 81 8.55 -26.70 10.47
CA LEU G 81 8.29 -26.02 9.20
C LEU G 81 7.65 -24.70 9.53
N ARG G 82 8.28 -23.61 9.11
CA ARG G 82 7.86 -22.28 9.51
C ARG G 82 7.80 -21.38 8.30
N VAL G 83 6.71 -20.63 8.17
CA VAL G 83 6.59 -19.62 7.13
C VAL G 83 6.27 -18.34 7.83
N SER G 84 7.16 -17.36 7.72
CA SER G 84 6.97 -16.07 8.37
C SER G 84 6.35 -15.15 7.33
N SER G 85 5.05 -14.90 7.45
CA SER G 85 4.35 -14.16 6.42
C SER G 85 3.00 -13.66 6.93
N LYS G 86 2.83 -12.34 6.97
CA LYS G 86 1.54 -11.77 7.32
C LYS G 86 0.43 -12.28 6.41
N LYS G 87 0.69 -12.33 5.10
CA LYS G 87 -0.33 -12.78 4.15
C LYS G 87 -0.78 -14.20 4.45
N LEU G 88 0.19 -15.10 4.65
CA LEU G 88 -0.14 -16.52 4.82
C LEU G 88 -0.79 -16.78 6.17
N TYR G 89 -0.29 -16.11 7.22
CA TYR G 89 -0.90 -16.19 8.54
C TYR G 89 -2.39 -15.84 8.47
N TYR G 90 -2.72 -14.66 7.93
CA TYR G 90 -4.14 -14.28 7.85
C TYR G 90 -4.92 -15.17 6.89
N TYR G 91 -4.27 -15.68 5.86
CA TYR G 91 -4.95 -16.63 4.97
C TYR G 91 -5.48 -17.81 5.76
N PHE G 92 -4.62 -18.40 6.61
CA PHE G 92 -5.03 -19.55 7.40
C PHE G 92 -5.94 -19.13 8.56
N ALA G 93 -5.65 -18.00 9.20
CA ALA G 93 -6.50 -17.56 10.30
C ALA G 93 -7.93 -17.28 9.82
N ASN G 94 -8.06 -16.55 8.71
CA ASN G 94 -9.40 -16.29 8.18
C ASN G 94 -10.11 -17.60 7.82
N MET G 95 -9.37 -18.56 7.26
CA MET G 95 -9.99 -19.80 6.84
C MET G 95 -10.36 -20.69 8.03
N GLN G 96 -9.67 -20.54 9.15
CA GLN G 96 -10.09 -21.23 10.35
C GLN G 96 -11.41 -20.69 10.84
N GLU G 97 -11.61 -19.38 10.73
CA GLU G 97 -12.85 -18.77 11.20
C GLU G 97 -14.06 -19.18 10.35
N ARG G 98 -13.86 -19.72 9.15
CA ARG G 98 -14.95 -20.12 8.27
CA ARG G 98 -14.96 -20.12 8.29
C ARG G 98 -14.94 -21.63 8.06
N ILE G 99 -14.38 -22.37 9.02
CA ILE G 99 -14.25 -23.81 8.88
C ILE G 99 -15.60 -24.50 8.73
N ARG G 100 -16.65 -23.95 9.34
CA ARG G 100 -17.99 -24.56 9.24
C ARG G 100 -18.47 -24.63 7.81
N LEU G 101 -18.23 -23.59 7.02
CA LEU G 101 -18.71 -23.50 5.65
C LEU G 101 -17.85 -24.29 4.67
N PHE G 102 -16.91 -25.11 5.14
CA PHE G 102 -16.12 -25.92 4.22
C PHE G 102 -17.03 -26.76 3.36
N ASN G 103 -16.73 -26.81 2.06
CA ASN G 103 -17.42 -27.76 1.20
C ASN G 103 -16.94 -29.17 1.52
N MET G 104 -17.43 -30.16 0.78
CA MET G 104 -17.06 -31.54 1.09
C MET G 104 -15.64 -31.87 0.66
N ARG G 105 -15.09 -31.24 -0.36
CA ARG G 105 -13.72 -31.58 -0.73
C ARG G 105 -12.76 -31.11 0.36
N GLU G 106 -13.06 -29.98 0.98
CA GLU G 106 -12.22 -29.44 2.03
C GLU G 106 -12.39 -30.18 3.35
N GLN G 107 -13.59 -30.67 3.64
CA GLN G 107 -13.81 -31.47 4.84
C GLN G 107 -12.90 -32.69 4.85
N ILE G 108 -13.00 -33.52 3.82
CA ILE G 108 -12.15 -34.70 3.74
C ILE G 108 -10.67 -34.33 3.86
N ALA G 109 -10.26 -33.23 3.21
CA ALA G 109 -8.86 -32.84 3.28
C ALA G 109 -8.48 -32.35 4.67
N PHE G 110 -9.34 -31.54 5.30
CA PHE G 110 -9.05 -31.09 6.65
C PHE G 110 -9.01 -32.27 7.62
N ILE G 111 -9.94 -33.20 7.48
CA ILE G 111 -9.96 -34.35 8.38
C ILE G 111 -8.71 -35.16 8.20
N LYS G 112 -8.29 -35.38 6.95
CA LYS G 112 -7.07 -36.14 6.68
C LYS G 112 -5.86 -35.50 7.35
N GLY G 113 -5.70 -34.19 7.17
CA GLY G 113 -4.57 -33.51 7.78
C GLY G 113 -4.60 -33.58 9.29
N LEU G 114 -5.76 -33.30 9.88
CA LEU G 114 -5.97 -33.47 11.31
C LEU G 114 -5.56 -34.86 11.77
N TYR G 115 -5.94 -35.91 11.01
CA TYR G 115 -5.60 -37.27 11.43
C TYR G 115 -4.10 -37.53 11.33
N VAL G 116 -3.46 -37.07 10.24
CA VAL G 116 -2.01 -37.18 10.15
C VAL G 116 -1.34 -36.53 11.34
N ALA G 117 -1.87 -35.38 11.79
CA ALA G 117 -1.26 -34.72 12.94
C ALA G 117 -1.54 -35.46 14.23
N GLU G 118 -2.79 -35.81 14.46
CA GLU G 118 -3.30 -36.01 15.79
C GLU G 118 -4.02 -37.34 15.96
N GLY G 119 -4.11 -38.16 14.92
CA GLY G 119 -4.88 -39.39 14.97
C GLY G 119 -4.03 -40.58 15.36
N ASP G 120 -4.72 -41.67 15.66
CA ASP G 120 -4.07 -42.93 16.01
C ASP G 120 -3.40 -43.51 14.77
N LYS G 121 -2.07 -43.65 14.79
CA LYS G 121 -1.38 -44.06 13.57
C LYS G 121 -1.42 -45.55 13.34
N THR G 122 -1.55 -46.36 14.40
CA THR G 122 -1.57 -47.80 14.20
C THR G 122 -2.80 -48.25 13.40
N LEU G 123 -3.84 -47.42 13.35
CA LEU G 123 -5.16 -47.79 12.83
C LEU G 123 -5.76 -49.05 13.43
N LYS G 124 -5.14 -49.62 14.47
CA LYS G 124 -5.83 -50.65 15.25
C LYS G 124 -7.14 -50.08 15.79
N ARG G 125 -7.07 -48.90 16.40
CA ARG G 125 -8.24 -48.11 16.70
C ARG G 125 -8.15 -46.83 15.89
N LEU G 126 -9.28 -46.20 15.66
CA LEU G 126 -9.36 -44.95 14.90
C LEU G 126 -9.78 -43.84 15.86
N ARG G 127 -8.81 -43.00 16.25
CA ARG G 127 -9.00 -41.98 17.28
C ARG G 127 -8.33 -40.69 16.87
N ILE G 128 -8.97 -39.56 17.16
CA ILE G 128 -8.39 -38.23 17.01
C ILE G 128 -8.45 -37.53 18.37
N TRP G 129 -7.32 -37.02 18.85
CA TRP G 129 -7.27 -36.40 20.17
C TRP G 129 -7.22 -34.89 20.05
N ASN G 130 -7.88 -34.17 20.96
CA ASN G 130 -7.74 -32.71 20.94
C ASN G 130 -8.44 -32.07 22.14
N LYS G 131 -7.80 -31.05 22.74
CA LYS G 131 -8.50 -30.29 23.77
C LYS G 131 -9.66 -29.44 23.22
N ASN G 132 -9.73 -29.21 21.91
CA ASN G 132 -10.77 -28.34 21.32
C ASN G 132 -12.03 -29.16 21.00
N LYS G 133 -12.94 -29.26 21.98
CA LYS G 133 -14.13 -30.08 21.78
C LYS G 133 -15.01 -29.51 20.66
N ALA G 134 -15.07 -28.18 20.53
CA ALA G 134 -15.85 -27.57 19.45
C ALA G 134 -15.37 -28.05 18.10
N LEU G 135 -14.05 -28.08 17.93
CA LEU G 135 -13.47 -28.60 16.70
C LEU G 135 -13.85 -30.07 16.49
N LEU G 136 -13.72 -30.89 17.53
CA LEU G 136 -14.11 -32.30 17.40
C LEU G 136 -15.60 -32.44 17.07
N GLU G 137 -16.45 -31.61 17.69
CA GLU G 137 -17.88 -31.69 17.42
C GLU G 137 -18.19 -31.41 15.95
N ILE G 138 -17.45 -30.49 15.33
CA ILE G 138 -17.60 -30.22 13.90
C ILE G 138 -17.19 -31.43 13.08
N VAL G 139 -15.97 -31.93 13.32
CA VAL G 139 -15.48 -33.10 12.59
C VAL G 139 -16.45 -34.26 12.74
N SER G 140 -17.09 -34.41 13.90
CA SER G 140 -18.05 -35.48 14.12
C SER G 140 -19.25 -35.34 13.18
N ARG G 141 -19.85 -34.15 13.15
CA ARG G 141 -21.01 -33.92 12.30
C ARG G 141 -20.68 -34.19 10.84
N TRP G 142 -19.52 -33.70 10.38
CA TRP G 142 -19.07 -34.01 9.02
C TRP G 142 -18.95 -35.51 8.81
N LEU G 143 -18.40 -36.23 9.78
CA LEU G 143 -18.25 -37.67 9.63
C LEU G 143 -19.60 -38.38 9.62
N ASN G 144 -20.56 -37.91 10.41
CA ASN G 144 -21.89 -38.49 10.34
C ASN G 144 -22.49 -38.32 8.94
N ASN G 145 -22.29 -37.16 8.31
CA ASN G 145 -22.80 -36.89 6.96
C ASN G 145 -22.11 -37.77 5.91
N LEU G 146 -20.83 -38.08 6.06
CA LEU G 146 -20.27 -39.06 5.14
C LEU G 146 -20.43 -40.49 5.64
N GLY G 147 -21.31 -40.73 6.62
CA GLY G 147 -21.68 -42.09 6.97
C GLY G 147 -20.65 -42.91 7.72
N VAL G 148 -19.83 -42.27 8.56
CA VAL G 148 -18.99 -42.98 9.52
C VAL G 148 -19.39 -42.49 10.89
N ARG G 149 -19.63 -43.43 11.80
CA ARG G 149 -20.21 -43.08 13.08
C ARG G 149 -19.10 -42.98 14.10
N ASN G 150 -19.37 -42.25 15.18
CA ASN G 150 -18.29 -41.81 16.02
C ASN G 150 -18.89 -41.29 17.31
N THR G 151 -18.05 -41.23 18.34
CA THR G 151 -18.44 -40.68 19.64
C THR G 151 -17.33 -39.76 20.11
N ILE G 152 -17.68 -38.83 20.98
CA ILE G 152 -16.71 -37.92 21.58
C ILE G 152 -16.82 -38.08 23.09
N HIS G 153 -15.71 -38.40 23.74
CA HIS G 153 -15.70 -38.41 25.19
CA HIS G 153 -15.61 -38.57 25.18
C HIS G 153 -14.39 -37.80 25.65
N LEU G 154 -14.25 -37.65 26.97
CA LEU G 154 -13.11 -36.96 27.54
C LEU G 154 -12.05 -38.01 27.91
N ASP G 155 -11.09 -38.21 27.02
CA ASP G 155 -10.09 -39.26 27.19
C ASP G 155 -9.18 -38.97 28.38
N ASP G 156 -8.55 -37.80 28.41
CA ASP G 156 -7.49 -37.51 29.37
C ASP G 156 -8.04 -36.55 30.42
N HIS G 157 -8.42 -37.12 31.57
CA HIS G 157 -8.88 -36.29 32.67
C HIS G 157 -7.78 -35.38 33.19
N ARG G 158 -6.52 -35.81 33.10
CA ARG G 158 -5.41 -34.98 33.57
C ARG G 158 -5.34 -33.65 32.80
N HIS G 159 -5.11 -33.73 31.48
CA HIS G 159 -4.88 -32.55 30.66
C HIS G 159 -6.12 -32.06 29.92
N GLY G 160 -7.27 -32.65 30.16
CA GLY G 160 -8.51 -32.15 29.55
C GLY G 160 -8.62 -32.38 28.05
N VAL G 161 -8.21 -33.55 27.58
CA VAL G 161 -8.14 -33.85 26.15
C VAL G 161 -9.32 -34.72 25.77
N TYR G 162 -10.13 -34.25 24.83
CA TYR G 162 -11.18 -35.09 24.31
C TYR G 162 -10.61 -36.04 23.27
N VAL G 163 -11.38 -37.09 22.98
CA VAL G 163 -11.08 -38.01 21.89
C VAL G 163 -12.33 -38.17 21.05
N LEU G 164 -12.13 -38.19 19.73
CA LEU G 164 -13.16 -38.57 18.76
C LEU G 164 -12.83 -39.99 18.31
N ASN G 165 -13.76 -40.91 18.52
CA ASN G 165 -13.53 -42.32 18.23
C ASN G 165 -14.36 -42.73 17.03
N ILE G 166 -13.69 -43.08 15.93
CA ILE G 166 -14.37 -43.59 14.76
C ILE G 166 -14.78 -45.03 15.06
N SER G 167 -16.06 -45.34 14.82
CA SER G 167 -16.48 -46.71 15.05
C SER G 167 -15.87 -47.63 14.02
N LEU G 168 -15.23 -48.71 14.48
CA LEU G 168 -14.69 -49.70 13.56
C LEU G 168 -15.77 -50.36 12.71
N ARG G 169 -17.05 -50.23 13.07
CA ARG G 169 -18.12 -50.58 12.13
C ARG G 169 -17.91 -49.89 10.79
N ASP G 170 -17.48 -48.64 10.80
CA ASP G 170 -17.29 -47.90 9.57
C ASP G 170 -15.82 -47.71 9.21
N ARG G 171 -14.98 -48.69 9.60
CA ARG G 171 -13.53 -48.59 9.44
C ARG G 171 -13.12 -48.31 8.00
N ILE G 172 -13.63 -49.12 7.06
CA ILE G 172 -13.18 -49.05 5.68
C ILE G 172 -13.77 -47.84 4.98
N LYS G 173 -15.04 -47.52 5.21
CA LYS G 173 -15.56 -46.27 4.68
C LYS G 173 -14.68 -45.10 5.12
N PHE G 174 -14.19 -45.14 6.36
CA PHE G 174 -13.37 -44.05 6.86
C PHE G 174 -11.98 -44.05 6.21
N VAL G 175 -11.25 -45.16 6.30
CA VAL G 175 -9.90 -45.18 5.76
C VAL G 175 -9.92 -44.93 4.26
N HIS G 176 -10.86 -45.56 3.56
CA HIS G 176 -10.85 -45.46 2.10
C HIS G 176 -11.32 -44.08 1.61
N THR G 177 -12.29 -43.48 2.30
CA THR G 177 -12.78 -42.18 1.86
C THR G 177 -11.88 -41.03 2.28
N ILE G 178 -11.18 -41.13 3.41
CA ILE G 178 -10.48 -39.97 3.95
C ILE G 178 -8.97 -40.12 4.00
N LEU G 179 -8.47 -41.15 4.69
CA LEU G 179 -7.01 -41.27 4.79
C LEU G 179 -6.35 -41.71 3.49
N SER G 180 -6.61 -42.94 3.03
CA SER G 180 -6.12 -43.40 1.73
C SER G 180 -7.02 -42.88 0.62
N SER G 181 -7.16 -41.54 0.58
CA SER G 181 -7.91 -40.84 -0.46
C SER G 181 -6.95 -39.99 -1.29
N HIS G 182 -7.20 -39.93 -2.59
CA HIS G 182 -6.22 -39.49 -3.56
C HIS G 182 -6.39 -38.04 -4.02
N LEU G 183 -7.33 -37.29 -3.45
CA LEU G 183 -7.50 -35.89 -3.86
C LEU G 183 -6.52 -34.97 -3.14
MN MN J . -33.20 15.86 -9.52
MN MN K . -29.13 18.97 -4.01
MN MN L . 32.73 20.78 -0.04
MN MN M . 29.53 19.09 6.25
MN MN N . 1.53 -35.51 15.59
MN MN O . -2.72 -30.55 18.75
CL CL P . -12.53 -23.79 16.06
#